data_5FB0
#
_entry.id   5FB0
#
_cell.length_a   83.830
_cell.length_b   99.160
_cell.length_c   53.716
_cell.angle_alpha   90.000
_cell.angle_beta   93.170
_cell.angle_gamma   90.000
#
_symmetry.space_group_name_H-M   'C 1 2 1'
#
loop_
_entity.id
_entity.type
_entity.pdbx_description
1 polymer 'Nuclear autoantigen Sp-100'
2 polymer 'Peptide from Histone H3'
3 non-polymer 'ZINC ION'
4 water water
#
loop_
_entity_poly.entity_id
_entity_poly.type
_entity_poly.pdbx_seq_one_letter_code
_entity_poly.pdbx_strand_id
1 'polypeptide(L)'
;SDPCPENSNICEVCNKWGRLFCCDTCPRSFHEHCHIPSVEANKNPWSCIFCRIKTIQERSPESQSGHQESEVLMRQMQPE
EQLKCEFLLLKVYCDSKSSFFASEPYYNREGSQGPQKPMWLNKVKTSLNEQMYTRVEGFVQDMRLIFHNHKEFYREDKFT
RLGIQVQDIFEKNFRNIFAIQETS
;
A,C
2 'polypeptide(L)' AR(TPO)KQTARKSTGGKA D,F
#
loop_
_chem_comp.id
_chem_comp.type
_chem_comp.name
_chem_comp.formula
ZN non-polymer 'ZINC ION' 'Zn 2'
#
# COMPACT_ATOMS: atom_id res chain seq x y z
N SER A 1 9.64 23.33 -18.99
CA SER A 1 10.63 22.44 -19.61
C SER A 1 10.37 20.99 -19.20
N ASP A 2 10.84 20.05 -20.04
CA ASP A 2 10.64 18.62 -19.82
C ASP A 2 11.28 18.21 -18.49
N PRO A 3 10.48 17.84 -17.49
CA PRO A 3 11.07 17.38 -16.22
C PRO A 3 11.98 16.17 -16.38
N CYS A 4 11.66 15.26 -17.30
CA CYS A 4 12.38 14.00 -17.46
C CYS A 4 12.75 13.81 -18.92
N PRO A 5 13.84 14.44 -19.37
CA PRO A 5 14.14 14.42 -20.81
C PRO A 5 14.63 13.06 -21.30
N GLU A 6 15.17 12.22 -20.43
CA GLU A 6 15.61 10.88 -20.80
C GLU A 6 14.54 9.81 -20.56
N ASN A 7 13.26 10.20 -20.54
CA ASN A 7 12.17 9.26 -20.29
C ASN A 7 11.11 9.40 -21.37
N SER A 8 10.32 8.34 -21.52
CA SER A 8 9.40 8.23 -22.65
C SER A 8 8.33 9.31 -22.61
N ASN A 9 7.86 9.69 -23.80
CA ASN A 9 6.73 10.60 -23.96
C ASN A 9 5.39 9.90 -24.05
N ILE A 10 5.36 8.55 -24.02
CA ILE A 10 4.12 7.79 -24.05
C ILE A 10 4.23 6.64 -23.05
N CYS A 11 3.07 6.15 -22.62
CA CYS A 11 3.04 5.07 -21.65
C CYS A 11 3.55 3.77 -22.26
N GLU A 12 4.15 2.93 -21.40
CA GLU A 12 4.63 1.62 -21.83
C GLU A 12 3.51 0.62 -22.05
N VAL A 13 2.34 0.85 -21.46
CA VAL A 13 1.26 -0.12 -21.52
C VAL A 13 0.35 0.18 -22.70
N CYS A 14 -0.35 1.32 -22.64
CA CYS A 14 -1.34 1.67 -23.66
C CYS A 14 -0.77 2.45 -24.83
N ASN A 15 0.50 2.86 -24.78
CA ASN A 15 1.15 3.62 -25.85
C ASN A 15 0.39 4.92 -26.18
N LYS A 16 0.13 5.72 -25.14
CA LYS A 16 -0.56 6.98 -25.30
C LYS A 16 0.13 8.05 -24.46
N TRP A 17 -0.16 9.31 -24.79
CA TRP A 17 0.40 10.46 -24.10
C TRP A 17 -0.38 10.72 -22.81
N GLY A 18 -0.08 11.85 -22.16
CA GLY A 18 -0.84 12.32 -21.02
C GLY A 18 0.07 12.59 -19.84
N ARG A 19 -0.51 12.55 -18.64
CA ARG A 19 0.26 12.72 -17.41
C ARG A 19 1.03 11.45 -17.13
N LEU A 20 2.35 11.49 -17.33
CA LEU A 20 3.19 10.30 -17.27
C LEU A 20 4.08 10.34 -16.03
N PHE A 21 4.31 9.18 -15.45
CA PHE A 21 5.23 8.98 -14.35
C PHE A 21 6.50 8.34 -14.92
N CYS A 22 7.65 8.86 -14.50
CA CYS A 22 8.91 8.49 -15.13
C CYS A 22 9.76 7.69 -14.16
N CYS A 23 10.30 6.59 -14.64
CA CYS A 23 11.16 5.75 -13.82
C CYS A 23 12.52 6.39 -13.67
N ASP A 24 13.21 6.04 -12.59
CA ASP A 24 14.46 6.70 -12.21
C ASP A 24 15.65 5.77 -12.40
N THR A 25 15.42 4.60 -12.97
CA THR A 25 16.48 3.65 -13.32
C THR A 25 16.39 3.17 -14.76
N CYS A 26 15.33 3.51 -15.48
CA CYS A 26 15.16 3.14 -16.88
C CYS A 26 14.29 4.20 -17.54
N PRO A 27 14.28 4.27 -18.87
CA PRO A 27 13.61 5.41 -19.52
C PRO A 27 12.12 5.19 -19.78
N ARG A 28 11.48 4.31 -19.03
CA ARG A 28 10.06 4.05 -19.26
C ARG A 28 9.18 5.07 -18.54
N SER A 29 7.95 5.20 -19.02
CA SER A 29 6.95 6.11 -18.48
C SER A 29 5.60 5.41 -18.46
N PHE A 30 4.84 5.64 -17.38
CA PHE A 30 3.58 4.94 -17.16
C PHE A 30 2.52 5.92 -16.69
N HIS A 31 1.30 5.79 -17.21
CA HIS A 31 0.18 6.48 -16.57
C HIS A 31 0.06 6.04 -15.11
N GLU A 32 -0.61 6.88 -14.32
CA GLU A 32 -0.71 6.65 -12.88
C GLU A 32 -1.34 5.30 -12.57
N HIS A 33 -2.31 4.88 -13.36
CA HIS A 33 -3.03 3.63 -13.13
C HIS A 33 -2.71 2.54 -14.15
N CYS A 34 -1.98 2.85 -15.22
CA CYS A 34 -1.56 1.81 -16.16
C CYS A 34 -0.42 0.98 -15.60
N HIS A 35 0.37 1.55 -14.70
CA HIS A 35 1.40 0.81 -14.01
C HIS A 35 0.80 -0.06 -12.92
N ILE A 36 1.41 -1.21 -12.68
CA ILE A 36 0.97 -2.11 -11.62
C ILE A 36 2.18 -2.57 -10.79
N PRO A 37 2.16 -2.30 -9.47
CA PRO A 37 1.13 -1.56 -8.71
C PRO A 37 1.03 -0.09 -9.11
N SER A 38 -0.06 0.57 -8.74
CA SER A 38 -0.20 1.99 -9.04
C SER A 38 0.98 2.77 -8.48
N VAL A 39 1.47 3.73 -9.27
CA VAL A 39 2.71 4.42 -8.93
C VAL A 39 2.58 5.12 -7.59
N GLU A 40 3.55 4.87 -6.72
CA GLU A 40 3.73 5.59 -5.45
C GLU A 40 4.30 6.97 -5.78
N ALA A 41 3.41 7.94 -5.96
CA ALA A 41 3.78 9.23 -6.55
C ALA A 41 4.84 9.98 -5.74
N ASN A 42 5.10 9.59 -4.49
CA ASN A 42 5.99 10.36 -3.62
C ASN A 42 7.21 9.55 -3.20
N LYS A 43 7.64 8.61 -4.04
CA LYS A 43 8.77 7.74 -3.73
C LYS A 43 9.96 8.16 -4.60
N ASN A 44 11.08 8.47 -3.96
CA ASN A 44 12.28 8.91 -4.66
C ASN A 44 13.52 8.18 -4.16
N PRO A 45 14.21 7.46 -5.06
CA PRO A 45 13.93 7.35 -6.49
C PRO A 45 12.95 6.21 -6.78
N TRP A 46 12.01 6.43 -7.70
CA TRP A 46 11.01 5.43 -8.01
C TRP A 46 11.47 4.55 -9.17
N SER A 47 11.45 3.24 -8.95
CA SER A 47 11.79 2.27 -9.97
C SER A 47 10.53 1.56 -10.43
N CYS A 48 10.43 1.32 -11.73
CA CYS A 48 9.24 0.72 -12.33
C CYS A 48 9.23 -0.78 -12.12
N ILE A 49 8.17 -1.43 -12.59
CA ILE A 49 7.99 -2.86 -12.35
C ILE A 49 9.02 -3.68 -13.12
N PHE A 50 9.56 -3.14 -14.21
CA PHE A 50 10.53 -3.91 -15.00
C PHE A 50 11.88 -3.95 -14.30
N CYS A 51 12.27 -2.85 -13.67
CA CYS A 51 13.52 -2.82 -12.92
C CYS A 51 13.42 -3.64 -11.64
N ARG A 52 12.29 -3.57 -10.95
CA ARG A 52 12.12 -4.38 -9.74
C ARG A 52 12.09 -5.86 -10.06
N ILE A 53 11.49 -6.23 -11.21
CA ILE A 53 11.52 -7.61 -11.65
C ILE A 53 12.95 -8.03 -11.97
N LYS A 54 13.71 -7.16 -12.64
CA LYS A 54 15.10 -7.51 -12.95
C LYS A 54 15.91 -7.75 -11.67
N THR A 55 15.74 -6.85 -10.68
CA THR A 55 16.41 -7.01 -9.40
C THR A 55 16.07 -8.32 -8.74
N ILE A 56 14.77 -8.68 -8.72
CA ILE A 56 14.37 -9.93 -8.11
C ILE A 56 14.93 -11.12 -8.88
N GLN A 57 14.75 -11.10 -10.20
CA GLN A 57 15.10 -12.24 -11.05
C GLN A 57 16.58 -12.61 -10.93
N GLU A 58 17.47 -11.63 -11.09
CA GLU A 58 18.88 -11.98 -11.04
C GLU A 58 19.40 -12.21 -9.62
N ARG A 59 18.52 -12.21 -8.61
CA ARG A 59 18.91 -12.50 -7.25
C ARG A 59 17.84 -13.34 -6.54
N SER A 60 17.30 -14.33 -7.25
CA SER A 60 16.35 -15.28 -6.65
C SER A 60 16.35 -16.59 -7.43
N GLY A 66 13.89 -25.47 -13.03
CA GLY A 66 12.49 -25.68 -13.35
C GLY A 66 11.62 -26.01 -12.15
N HIS A 67 10.45 -25.40 -12.11
CA HIS A 67 9.51 -25.58 -11.01
C HIS A 67 8.29 -26.34 -11.53
N GLN A 68 7.44 -26.77 -10.61
CA GLN A 68 6.19 -27.42 -10.97
C GLN A 68 5.04 -26.44 -10.75
N GLU A 69 4.07 -26.46 -11.66
CA GLU A 69 2.95 -25.54 -11.59
C GLU A 69 2.19 -25.67 -10.27
N SER A 70 2.03 -26.89 -9.76
CA SER A 70 1.34 -27.09 -8.48
C SER A 70 2.04 -26.32 -7.36
N GLU A 71 3.36 -26.44 -7.29
CA GLU A 71 4.11 -25.78 -6.22
C GLU A 71 4.03 -24.26 -6.35
N VAL A 72 4.15 -23.75 -7.58
CA VAL A 72 4.02 -22.31 -7.81
C VAL A 72 2.66 -21.80 -7.35
N LEU A 73 1.59 -22.47 -7.80
CA LEU A 73 0.25 -22.06 -7.42
C LEU A 73 0.02 -22.15 -5.91
N MET A 74 0.68 -23.10 -5.24
CA MET A 74 0.54 -23.25 -3.80
C MET A 74 1.18 -22.12 -3.01
N ARG A 75 1.99 -21.26 -3.63
CA ARG A 75 2.74 -20.26 -2.89
C ARG A 75 1.83 -19.15 -2.37
N GLN A 76 2.11 -18.71 -1.15
CA GLN A 76 1.41 -17.57 -0.58
C GLN A 76 1.89 -16.27 -1.24
N MET A 77 0.99 -15.30 -1.32
CA MET A 77 1.29 -14.04 -2.00
C MET A 77 2.26 -13.17 -1.20
N GLN A 78 3.48 -13.65 -1.04
CA GLN A 78 4.53 -12.86 -0.43
C GLN A 78 5.03 -11.82 -1.43
N PRO A 79 5.71 -10.75 -0.94
CA PRO A 79 6.03 -9.62 -1.83
C PRO A 79 6.62 -9.99 -3.18
N GLU A 80 7.47 -11.02 -3.24
CA GLU A 80 7.99 -11.49 -4.52
C GLU A 80 6.86 -11.97 -5.42
N GLU A 81 6.13 -13.01 -4.97
CA GLU A 81 4.99 -13.52 -5.74
C GLU A 81 3.99 -12.42 -6.07
N GLN A 82 3.74 -11.51 -5.12
CA GLN A 82 2.84 -10.40 -5.39
C GLN A 82 3.33 -9.57 -6.57
N LEU A 83 4.63 -9.28 -6.59
CA LEU A 83 5.17 -8.44 -7.65
C LEU A 83 5.23 -9.18 -8.98
N LYS A 84 5.47 -10.49 -8.95
CA LYS A 84 5.46 -11.28 -10.17
C LYS A 84 4.07 -11.31 -10.79
N CYS A 85 3.04 -11.59 -9.99
CA CYS A 85 1.68 -11.57 -10.50
C CYS A 85 1.31 -10.20 -11.04
N GLU A 86 1.62 -9.13 -10.30
CA GLU A 86 1.39 -7.79 -10.82
C GLU A 86 2.07 -7.57 -12.17
N PHE A 87 3.29 -8.12 -12.34
CA PHE A 87 3.99 -7.95 -13.61
C PHE A 87 3.35 -8.77 -14.72
N LEU A 88 2.88 -9.98 -14.38
CA LEU A 88 2.19 -10.83 -15.36
C LEU A 88 0.91 -10.16 -15.86
N LEU A 89 0.14 -9.58 -14.94
CA LEU A 89 -1.08 -8.90 -15.34
C LEU A 89 -0.77 -7.65 -16.14
N LEU A 90 0.31 -6.94 -15.79
CA LEU A 90 0.72 -5.80 -16.61
C LEU A 90 1.13 -6.23 -18.01
N LYS A 91 1.82 -7.36 -18.12
CA LYS A 91 2.20 -7.88 -19.43
C LYS A 91 0.97 -8.22 -20.25
N VAL A 92 -0.11 -8.66 -19.60
CA VAL A 92 -1.36 -8.84 -20.31
C VAL A 92 -1.91 -7.50 -20.76
N TYR A 93 -1.92 -6.51 -19.87
CA TYR A 93 -2.36 -5.16 -20.23
C TYR A 93 -1.57 -4.59 -21.41
N CYS A 94 -0.31 -4.98 -21.58
CA CYS A 94 0.53 -4.41 -22.61
C CYS A 94 0.18 -4.88 -24.01
N ASP A 95 -0.89 -5.67 -24.16
CA ASP A 95 -1.36 -6.12 -25.46
C ASP A 95 -2.68 -5.43 -25.77
N SER A 96 -2.85 -5.02 -27.02
CA SER A 96 -4.05 -4.27 -27.38
C SER A 96 -5.31 -5.12 -27.26
N LYS A 97 -5.21 -6.42 -27.56
CA LYS A 97 -6.40 -7.26 -27.54
C LYS A 97 -7.01 -7.31 -26.15
N SER A 98 -6.20 -7.10 -25.11
CA SER A 98 -6.68 -7.19 -23.74
C SER A 98 -7.72 -6.13 -23.43
N SER A 99 -7.79 -5.08 -24.26
CA SER A 99 -8.80 -4.06 -24.01
C SER A 99 -10.20 -4.63 -24.09
N PHE A 100 -10.38 -5.75 -24.80
CA PHE A 100 -11.71 -6.35 -24.88
C PHE A 100 -12.15 -6.92 -23.54
N PHE A 101 -11.21 -7.33 -22.68
CA PHE A 101 -11.52 -7.96 -21.41
C PHE A 101 -11.29 -7.06 -20.20
N ALA A 102 -11.10 -5.76 -20.41
CA ALA A 102 -10.71 -4.88 -19.30
C ALA A 102 -11.91 -4.43 -18.48
N SER A 103 -12.91 -3.84 -19.12
CA SER A 103 -14.08 -3.31 -18.43
C SER A 103 -15.08 -4.43 -18.13
N GLU A 104 -16.05 -4.13 -17.27
CA GLU A 104 -17.08 -5.09 -16.93
C GLU A 104 -17.89 -5.43 -18.19
N PRO A 105 -18.04 -6.72 -18.52
CA PRO A 105 -18.70 -7.09 -19.79
C PRO A 105 -20.16 -6.67 -19.92
N TYR A 106 -20.81 -7.16 -20.98
CA TYR A 106 -22.02 -6.54 -21.51
C TYR A 106 -23.29 -7.36 -21.29
N TYR A 107 -23.18 -8.66 -21.04
CA TYR A 107 -24.37 -9.48 -20.77
C TYR A 107 -24.90 -9.25 -19.36
N GLY A 114 -25.56 -13.80 -18.80
CA GLY A 114 -25.08 -13.77 -17.44
C GLY A 114 -24.42 -15.06 -16.99
N PRO A 115 -23.12 -15.02 -16.74
CA PRO A 115 -22.39 -16.20 -16.29
C PRO A 115 -22.55 -16.40 -14.79
N GLN A 116 -21.97 -17.49 -14.28
CA GLN A 116 -22.05 -17.78 -12.85
C GLN A 116 -21.22 -16.79 -12.04
N LYS A 117 -20.04 -16.44 -12.55
CA LYS A 117 -19.17 -15.47 -11.89
C LYS A 117 -18.44 -14.67 -12.95
N PRO A 118 -18.94 -13.50 -13.33
CA PRO A 118 -18.20 -12.64 -14.26
C PRO A 118 -16.87 -12.19 -13.67
N MET A 119 -15.93 -11.88 -14.57
CA MET A 119 -14.61 -11.44 -14.17
C MET A 119 -13.96 -10.72 -15.34
N TRP A 120 -13.31 -9.60 -15.05
CA TRP A 120 -12.66 -8.80 -16.08
C TRP A 120 -11.31 -8.32 -15.53
N LEU A 121 -10.53 -7.69 -16.41
CA LEU A 121 -9.15 -7.40 -16.09
C LEU A 121 -9.04 -6.36 -14.98
N ASN A 122 -9.82 -5.27 -15.09
CA ASN A 122 -9.79 -4.22 -14.07
C ASN A 122 -10.14 -4.75 -12.68
N LYS A 123 -11.01 -5.75 -12.59
CA LYS A 123 -11.39 -6.26 -11.27
C LYS A 123 -10.27 -7.09 -10.65
N VAL A 124 -9.50 -7.78 -11.50
CA VAL A 124 -8.32 -8.49 -10.99
C VAL A 124 -7.24 -7.49 -10.60
N LYS A 125 -7.11 -6.41 -11.37
CA LYS A 125 -6.24 -5.31 -10.98
C LYS A 125 -6.63 -4.77 -9.60
N THR A 126 -7.94 -4.56 -9.37
CA THR A 126 -8.39 -4.01 -8.10
C THR A 126 -8.14 -4.98 -6.96
N SER A 127 -8.53 -6.24 -7.13
CA SER A 127 -8.35 -7.23 -6.07
C SER A 127 -6.87 -7.44 -5.76
N LEU A 128 -6.04 -7.52 -6.79
CA LEU A 128 -4.60 -7.68 -6.57
C LEU A 128 -3.99 -6.44 -5.92
N ASN A 129 -4.53 -5.26 -6.26
CA ASN A 129 -4.04 -4.03 -5.67
C ASN A 129 -4.32 -3.99 -4.17
N GLU A 130 -5.53 -4.37 -3.79
CA GLU A 130 -5.94 -4.45 -2.39
C GLU A 130 -5.48 -5.74 -1.72
N GLN A 131 -4.62 -6.50 -2.39
CA GLN A 131 -4.08 -7.76 -1.87
C GLN A 131 -5.21 -8.68 -1.38
N MET A 132 -6.21 -8.86 -2.24
CA MET A 132 -7.32 -9.77 -1.93
C MET A 132 -7.00 -11.23 -2.24
N TYR A 133 -5.78 -11.54 -2.66
CA TYR A 133 -5.35 -12.91 -2.92
C TYR A 133 -4.31 -13.33 -1.91
N THR A 134 -4.56 -14.46 -1.24
CA THR A 134 -3.61 -14.99 -0.27
C THR A 134 -2.58 -15.90 -0.91
N ARG A 135 -2.93 -16.58 -2.00
CA ARG A 135 -1.98 -17.39 -2.75
C ARG A 135 -2.07 -17.03 -4.22
N VAL A 136 -1.06 -17.47 -4.98
CA VAL A 136 -1.00 -17.21 -6.41
C VAL A 136 -2.21 -17.81 -7.12
N GLU A 137 -2.70 -18.95 -6.63
CA GLU A 137 -3.81 -19.65 -7.28
C GLU A 137 -5.05 -18.77 -7.42
N GLY A 138 -5.27 -17.84 -6.50
CA GLY A 138 -6.41 -16.95 -6.63
C GLY A 138 -6.31 -16.06 -7.86
N PHE A 139 -5.12 -15.49 -8.08
CA PHE A 139 -4.94 -14.60 -9.21
C PHE A 139 -4.98 -15.38 -10.52
N VAL A 140 -4.23 -16.49 -10.57
CA VAL A 140 -4.24 -17.33 -11.76
C VAL A 140 -5.64 -17.86 -12.03
N GLN A 141 -6.45 -18.03 -10.99
CA GLN A 141 -7.77 -18.60 -11.15
C GLN A 141 -8.77 -17.57 -11.65
N ASP A 142 -8.60 -16.30 -11.27
CA ASP A 142 -9.50 -15.29 -11.83
C ASP A 142 -9.12 -14.99 -13.27
N MET A 143 -7.81 -14.99 -13.57
CA MET A 143 -7.36 -14.78 -14.93
C MET A 143 -7.88 -15.88 -15.85
N ARG A 144 -7.73 -17.13 -15.42
CA ARG A 144 -8.27 -18.23 -16.22
C ARG A 144 -9.79 -18.21 -16.27
N LEU A 145 -10.44 -17.65 -15.24
CA LEU A 145 -11.89 -17.59 -15.26
C LEU A 145 -12.39 -16.62 -16.30
N ILE A 146 -11.60 -15.61 -16.65
CA ILE A 146 -11.97 -14.71 -17.74
C ILE A 146 -12.10 -15.50 -19.05
N PHE A 147 -11.10 -16.33 -19.36
CA PHE A 147 -11.12 -17.07 -20.61
C PHE A 147 -12.17 -18.17 -20.58
N HIS A 148 -12.34 -18.83 -19.44
CA HIS A 148 -13.43 -19.80 -19.32
C HIS A 148 -14.77 -19.18 -19.70
N ASN A 149 -15.09 -18.02 -19.10
CA ASN A 149 -16.40 -17.43 -19.38
C ASN A 149 -16.49 -16.94 -20.81
N HIS A 150 -15.36 -16.49 -21.39
CA HIS A 150 -15.38 -16.08 -22.78
C HIS A 150 -15.69 -17.25 -23.70
N LYS A 151 -15.02 -18.39 -23.48
CA LYS A 151 -15.35 -19.61 -24.23
C LYS A 151 -16.73 -20.12 -23.92
N GLU A 152 -17.37 -19.63 -22.86
CA GLU A 152 -18.70 -20.12 -22.52
C GLU A 152 -19.80 -19.32 -23.20
N PHE A 153 -19.65 -17.99 -23.32
CA PHE A 153 -20.76 -17.17 -23.80
C PHE A 153 -20.62 -16.62 -25.22
N TYR A 154 -19.42 -16.54 -25.77
CA TYR A 154 -19.21 -15.92 -27.08
C TYR A 154 -18.84 -16.98 -28.10
N ARG A 155 -19.54 -16.97 -29.24
CA ARG A 155 -19.31 -17.92 -30.33
C ARG A 155 -18.74 -17.28 -31.58
N GLU A 156 -18.70 -15.95 -31.67
CA GLU A 156 -18.27 -15.29 -32.89
C GLU A 156 -16.80 -15.54 -33.15
N ASP A 157 -16.46 -15.77 -34.42
CA ASP A 157 -15.15 -16.34 -34.76
C ASP A 157 -14.03 -15.38 -34.42
N LYS A 158 -14.23 -14.09 -34.69
CA LYS A 158 -13.17 -13.10 -34.49
C LYS A 158 -12.84 -12.94 -33.02
N PHE A 159 -13.85 -12.70 -32.19
CA PHE A 159 -13.60 -12.52 -30.76
C PHE A 159 -13.23 -13.83 -30.08
N THR A 160 -13.68 -14.97 -30.61
CA THR A 160 -13.25 -16.25 -30.06
C THR A 160 -11.76 -16.45 -30.25
N ARG A 161 -11.29 -16.28 -31.49
CA ARG A 161 -9.85 -16.28 -31.74
C ARG A 161 -9.14 -15.26 -30.86
N LEU A 162 -9.75 -14.09 -30.66
CA LEU A 162 -9.13 -13.06 -29.83
C LEU A 162 -8.89 -13.56 -28.41
N GLY A 163 -9.90 -14.21 -27.82
CA GLY A 163 -9.75 -14.70 -26.46
C GLY A 163 -8.80 -15.87 -26.37
N ILE A 164 -8.73 -16.67 -27.42
CA ILE A 164 -7.72 -17.72 -27.48
C ILE A 164 -6.31 -17.13 -27.44
N GLN A 165 -6.08 -16.08 -28.23
CA GLN A 165 -4.76 -15.47 -28.28
C GLN A 165 -4.39 -14.83 -26.94
N VAL A 166 -5.32 -14.10 -26.33
CA VAL A 166 -5.02 -13.50 -25.04
C VAL A 166 -4.78 -14.56 -23.97
N GLN A 167 -5.52 -15.67 -24.05
CA GLN A 167 -5.28 -16.77 -23.11
C GLN A 167 -3.86 -17.30 -23.26
N ASP A 168 -3.44 -17.63 -24.48
CA ASP A 168 -2.08 -18.11 -24.69
C ASP A 168 -1.05 -17.11 -24.19
N ILE A 169 -1.31 -15.81 -24.37
CA ILE A 169 -0.38 -14.80 -23.89
C ILE A 169 -0.26 -14.88 -22.37
N PHE A 170 -1.39 -14.98 -21.66
CA PHE A 170 -1.33 -15.05 -20.21
C PHE A 170 -0.61 -16.32 -19.75
N GLU A 171 -0.84 -17.44 -20.43
CA GLU A 171 -0.25 -18.69 -19.95
C GLU A 171 1.25 -18.73 -20.22
N LYS A 172 1.69 -18.17 -21.35
CA LYS A 172 3.11 -18.13 -21.65
C LYS A 172 3.84 -17.18 -20.72
N ASN A 173 3.30 -15.98 -20.51
CA ASN A 173 3.92 -15.09 -19.53
C ASN A 173 3.87 -15.69 -18.14
N PHE A 174 2.86 -16.50 -17.85
CA PHE A 174 2.73 -17.12 -16.54
C PHE A 174 3.84 -18.14 -16.31
N ARG A 175 4.08 -19.00 -17.29
CA ARG A 175 5.09 -20.03 -17.10
C ARG A 175 6.51 -19.48 -17.25
N ASN A 176 6.68 -18.40 -18.01
CA ASN A 176 8.01 -17.78 -18.10
C ASN A 176 8.38 -17.03 -16.82
N ILE A 177 7.44 -16.28 -16.23
CA ILE A 177 7.80 -15.43 -15.11
C ILE A 177 8.06 -16.27 -13.86
N PHE A 178 7.20 -17.25 -13.58
CA PHE A 178 7.39 -18.10 -12.41
C PHE A 178 8.34 -19.27 -12.66
N ALA A 179 8.91 -19.37 -13.86
CA ALA A 179 9.94 -20.37 -14.18
C ALA A 179 9.43 -21.79 -13.95
N ILE A 180 8.43 -22.15 -14.72
CA ILE A 180 7.78 -23.46 -14.61
C ILE A 180 8.37 -24.37 -15.68
N GLN A 181 8.50 -25.64 -15.34
CA GLN A 181 9.20 -26.61 -16.19
C GLN A 181 8.30 -27.16 -17.28
N GLU A 182 8.87 -27.33 -18.47
CA GLU A 182 8.19 -28.01 -19.56
C GLU A 182 8.19 -29.52 -19.29
N THR A 183 7.71 -30.29 -20.27
CA THR A 183 7.79 -31.75 -20.28
C THR A 183 7.34 -32.40 -18.97
N ALA B 1 7.96 10.42 -7.12
CA ALA B 1 8.22 10.05 -8.51
C ALA B 1 8.04 11.24 -9.43
N ARG B 2 8.91 11.36 -10.42
CA ARG B 2 8.85 12.47 -11.37
C ARG B 2 7.71 12.29 -12.37
N TPO B 3 7.13 13.41 -12.80
CA TPO B 3 6.04 13.40 -13.75
CB TPO B 3 4.74 13.76 -13.07
CG2 TPO B 3 4.18 12.52 -12.38
OG1 TPO B 3 5.02 14.76 -12.08
P TPO B 3 3.67 15.59 -11.79
O1P TPO B 3 4.04 16.95 -11.34
O2P TPO B 3 2.82 15.72 -13.16
O3P TPO B 3 2.80 14.86 -10.65
C TPO B 3 6.31 14.35 -14.89
O TPO B 3 7.13 15.26 -14.77
N LYS B 4 5.60 14.15 -16.00
CA LYS B 4 5.67 15.05 -17.13
C LYS B 4 4.32 15.05 -17.87
N GLN B 5 4.15 15.95 -18.84
CA GLN B 5 2.89 16.09 -19.56
C GLN B 5 3.19 16.10 -21.06
N THR B 6 2.76 15.06 -21.76
CA THR B 6 2.93 14.95 -23.19
C THR B 6 1.58 14.97 -23.88
N ALA B 7 1.60 15.22 -25.20
CA ALA B 7 0.37 15.31 -25.97
C ALA B 7 0.63 14.86 -27.40
N ARG B 8 -0.43 14.34 -28.04
CA ARG B 8 -0.32 13.87 -29.42
C ARG B 8 0.18 14.96 -30.36
N LYS B 9 -0.34 16.17 -30.21
CA LYS B 9 0.13 17.31 -31.01
C LYS B 9 1.03 18.18 -30.14
N SER B 10 2.21 17.63 -29.84
CA SER B 10 3.21 18.29 -29.03
C SER B 10 4.56 17.59 -29.19
N SER C 1 -16.60 -20.06 18.02
CA SER C 1 -15.47 -20.09 18.95
C SER C 1 -14.50 -18.95 18.69
N ASP C 2 -13.77 -18.57 19.73
CA ASP C 2 -12.79 -17.47 19.67
C ASP C 2 -11.70 -17.82 18.66
N PRO C 3 -11.63 -17.12 17.53
CA PRO C 3 -10.56 -17.39 16.55
C PRO C 3 -9.16 -17.23 17.12
N CYS C 4 -8.96 -16.25 18.01
CA CYS C 4 -7.62 -15.90 18.51
C CYS C 4 -7.64 -15.87 20.03
N PRO C 5 -7.52 -17.02 20.68
CA PRO C 5 -7.72 -17.05 22.14
C PRO C 5 -6.58 -16.42 22.93
N GLU C 6 -5.36 -16.37 22.38
CA GLU C 6 -4.24 -15.73 23.04
C GLU C 6 -4.05 -14.27 22.62
N ASN C 7 -5.11 -13.61 22.15
CA ASN C 7 -5.03 -12.22 21.72
C ASN C 7 -6.10 -11.41 22.43
N SER C 8 -5.86 -10.10 22.49
CA SER C 8 -6.66 -9.21 23.33
C SER C 8 -8.11 -9.14 22.86
N ASN C 9 -9.01 -8.90 23.80
CA ASN C 9 -10.42 -8.66 23.53
C ASN C 9 -10.74 -7.18 23.32
N ILE C 10 -9.78 -6.28 23.46
CA ILE C 10 -9.98 -4.85 23.22
C ILE C 10 -8.76 -4.30 22.49
N CYS C 11 -8.98 -3.19 21.78
CA CYS C 11 -7.93 -2.55 21.00
C CYS C 11 -6.84 -1.97 21.89
N GLU C 12 -5.62 -1.92 21.36
CA GLU C 12 -4.49 -1.31 22.05
C GLU C 12 -4.54 0.21 22.03
N VAL C 13 -5.27 0.82 21.09
CA VAL C 13 -5.27 2.27 20.93
C VAL C 13 -6.41 2.87 21.74
N CYS C 14 -7.65 2.59 21.34
CA CYS C 14 -8.81 3.19 21.98
C CYS C 14 -9.34 2.39 23.17
N ASN C 15 -8.81 1.19 23.41
CA ASN C 15 -9.24 0.33 24.51
C ASN C 15 -10.75 0.08 24.45
N LYS C 16 -11.19 -0.40 23.28
CA LYS C 16 -12.60 -0.63 23.02
C LYS C 16 -12.76 -1.98 22.31
N TRP C 17 -13.98 -2.52 22.40
CA TRP C 17 -14.28 -3.79 21.75
C TRP C 17 -14.58 -3.57 20.26
N GLY C 18 -15.05 -4.63 19.59
CA GLY C 18 -15.53 -4.55 18.23
C GLY C 18 -14.85 -5.58 17.36
N ARG C 19 -14.82 -5.31 16.06
CA ARG C 19 -14.12 -6.15 15.10
C ARG C 19 -12.61 -5.92 15.23
N LEU C 20 -11.90 -6.89 15.80
CA LEU C 20 -10.51 -6.72 16.16
C LEU C 20 -9.61 -7.55 15.24
N PHE C 21 -8.45 -6.98 14.92
CA PHE C 21 -7.41 -7.68 14.16
C PHE C 21 -6.34 -8.12 15.15
N CYS C 22 -5.90 -9.37 15.03
CA CYS C 22 -5.05 -9.98 16.03
C CYS C 22 -3.66 -10.21 15.47
N CYS C 23 -2.65 -9.80 16.23
CA CYS C 23 -1.27 -9.98 15.82
C CYS C 23 -0.83 -11.43 16.02
N ASP C 24 0.18 -11.83 15.26
CA ASP C 24 0.61 -13.22 15.20
C ASP C 24 1.98 -13.44 15.84
N THR C 25 2.53 -12.39 16.44
CA THR C 25 3.78 -12.48 17.19
C THR C 25 3.69 -11.91 18.60
N CYS C 26 2.59 -11.26 18.95
CA CYS C 26 2.36 -10.72 20.28
C CYS C 26 0.85 -10.71 20.52
N PRO C 27 0.41 -10.60 21.76
CA PRO C 27 -1.03 -10.78 22.04
C PRO C 27 -1.87 -9.53 21.89
N ARG C 28 -1.42 -8.54 21.11
CA ARG C 28 -2.17 -7.31 20.96
C ARG C 28 -3.27 -7.45 19.92
N SER C 29 -4.26 -6.56 19.99
CA SER C 29 -5.39 -6.55 19.08
C SER C 29 -5.71 -5.12 18.68
N PHE C 30 -6.06 -4.93 17.40
CA PHE C 30 -6.28 -3.61 16.83
C PHE C 30 -7.52 -3.57 15.95
N HIS C 31 -8.27 -2.48 16.02
CA HIS C 31 -9.26 -2.19 15.00
C HIS C 31 -8.59 -2.01 13.65
N GLU C 32 -9.38 -2.21 12.58
CA GLU C 32 -8.84 -2.11 11.23
C GLU C 32 -8.20 -0.76 10.97
N HIS C 33 -8.73 0.32 11.56
CA HIS C 33 -8.25 1.66 11.29
C HIS C 33 -7.56 2.30 12.50
N CYS C 34 -7.63 1.70 13.68
CA CYS C 34 -6.90 2.24 14.82
C CYS C 34 -5.41 1.89 14.75
N HIS C 35 -5.07 0.81 14.05
CA HIS C 35 -3.68 0.46 13.83
C HIS C 35 -3.08 1.33 12.74
N ILE C 36 -1.80 1.64 12.87
CA ILE C 36 -1.09 2.41 11.85
C ILE C 36 0.23 1.71 11.52
N PRO C 37 0.43 1.34 10.24
CA PRO C 37 -0.50 1.47 9.11
C PRO C 37 -1.76 0.63 9.24
N SER C 38 -2.77 0.95 8.42
CA SER C 38 -3.99 0.15 8.42
C SER C 38 -3.66 -1.32 8.17
N VAL C 39 -4.31 -2.21 8.92
CA VAL C 39 -3.97 -3.62 8.91
C VAL C 39 -4.11 -4.19 7.50
N GLU C 40 -3.07 -4.89 7.04
CA GLU C 40 -3.18 -5.62 5.79
C GLU C 40 -4.01 -6.87 6.06
N ALA C 41 -5.32 -6.79 5.77
CA ALA C 41 -6.28 -7.81 6.19
C ALA C 41 -5.98 -9.20 5.63
N ASN C 42 -5.14 -9.31 4.61
CA ASN C 42 -4.87 -10.59 3.96
C ASN C 42 -3.40 -10.99 4.05
N LYS C 43 -2.73 -10.55 5.10
CA LYS C 43 -1.31 -10.82 5.30
C LYS C 43 -1.14 -11.85 6.41
N ASN C 44 -0.48 -12.96 6.08
CA ASN C 44 -0.27 -14.04 7.03
C ASN C 44 1.18 -14.54 7.00
N PRO C 45 1.88 -14.47 8.14
CA PRO C 45 1.36 -14.03 9.43
C PRO C 45 1.50 -12.51 9.61
N TRP C 46 0.48 -11.87 10.17
CA TRP C 46 0.48 -10.42 10.32
C TRP C 46 1.07 -10.02 11.66
N SER C 47 2.07 -9.14 11.62
CA SER C 47 2.69 -8.60 12.82
C SER C 47 2.33 -7.14 12.98
N CYS C 48 2.10 -6.74 14.23
CA CYS C 48 1.67 -5.38 14.55
C CYS C 48 2.86 -4.42 14.52
N ILE C 49 2.57 -3.14 14.76
CA ILE C 49 3.59 -2.11 14.66
C ILE C 49 4.61 -2.22 15.79
N PHE C 50 4.22 -2.82 16.91
CA PHE C 50 5.13 -2.91 18.05
C PHE C 50 6.22 -3.95 17.80
N CYS C 51 5.85 -5.07 17.17
CA CYS C 51 6.84 -6.10 16.86
C CYS C 51 7.76 -5.66 15.73
N ARG C 52 7.20 -4.99 14.72
CA ARG C 52 8.06 -4.49 13.64
C ARG C 52 8.99 -3.41 14.15
N ILE C 53 8.53 -2.59 15.09
CA ILE C 53 9.41 -1.61 15.72
C ILE C 53 10.52 -2.30 16.50
N LYS C 54 10.17 -3.37 17.24
CA LYS C 54 11.23 -4.07 17.97
C LYS C 54 12.26 -4.67 17.01
N THR C 55 11.80 -5.26 15.90
CA THR C 55 12.71 -5.80 14.89
C THR C 55 13.64 -4.73 14.33
N ILE C 56 13.08 -3.58 13.94
CA ILE C 56 13.92 -2.51 13.41
C ILE C 56 14.88 -2.01 14.48
N GLN C 57 14.36 -1.79 15.68
CA GLN C 57 15.15 -1.24 16.78
C GLN C 57 16.37 -2.10 17.05
N GLU C 58 16.20 -3.42 17.10
CA GLU C 58 17.35 -4.28 17.35
C GLU C 58 18.24 -4.38 16.11
N ARG C 59 17.65 -4.32 14.91
CA ARG C 59 18.47 -4.38 13.70
C ARG C 59 19.20 -3.05 13.46
N SER C 60 18.57 -1.93 13.79
CA SER C 60 19.18 -0.62 13.58
C SER C 60 20.41 -0.43 14.45
N SER C 65 24.57 6.50 19.45
CA SER C 65 25.00 7.09 20.71
C SER C 65 24.58 8.56 20.82
N GLY C 66 23.63 8.94 19.98
CA GLY C 66 22.99 10.23 20.05
C GLY C 66 22.93 10.92 18.70
N HIS C 67 21.76 11.43 18.35
CA HIS C 67 21.51 12.08 17.07
C HIS C 67 21.12 13.54 17.29
N GLN C 68 21.12 14.29 16.19
CA GLN C 68 20.66 15.66 16.16
C GLN C 68 19.29 15.73 15.50
N GLU C 69 18.43 16.60 16.04
CA GLU C 69 17.09 16.78 15.47
C GLU C 69 17.16 17.23 14.01
N SER C 70 18.14 18.06 13.67
CA SER C 70 18.32 18.51 12.29
C SER C 70 18.54 17.32 11.36
N GLU C 71 19.46 16.43 11.72
CA GLU C 71 19.76 15.30 10.84
C GLU C 71 18.57 14.34 10.76
N VAL C 72 17.90 14.10 11.89
CA VAL C 72 16.71 13.24 11.90
C VAL C 72 15.64 13.82 10.98
N LEU C 73 15.30 15.09 11.16
CA LEU C 73 14.28 15.73 10.34
C LEU C 73 14.66 15.78 8.87
N MET C 74 15.96 15.90 8.56
CA MET C 74 16.41 15.92 7.17
C MET C 74 16.26 14.57 6.48
N ARG C 75 15.98 13.50 7.21
CA ARG C 75 15.95 12.17 6.61
C ARG C 75 14.71 12.02 5.74
N GLN C 76 14.87 11.37 4.59
CA GLN C 76 13.74 11.09 3.72
C GLN C 76 12.91 9.94 4.29
N MET C 77 11.67 9.84 3.81
CA MET C 77 10.70 8.88 4.34
C MET C 77 10.92 7.48 3.76
N GLN C 78 12.08 6.93 4.07
CA GLN C 78 12.36 5.54 3.71
C GLN C 78 11.64 4.62 4.70
N PRO C 79 11.43 3.34 4.33
CA PRO C 79 10.57 2.47 5.14
C PRO C 79 10.81 2.51 6.65
N GLU C 80 12.05 2.63 7.10
CA GLU C 80 12.31 2.76 8.52
C GLU C 80 11.66 4.02 9.08
N GLU C 81 12.07 5.19 8.59
CA GLU C 81 11.47 6.45 9.03
C GLU C 81 9.95 6.44 8.89
N GLN C 82 9.44 5.83 7.81
CA GLN C 82 7.99 5.75 7.65
C GLN C 82 7.37 4.96 8.79
N LEU C 83 7.99 3.84 9.18
CA LEU C 83 7.41 3.00 10.21
C LEU C 83 7.55 3.64 11.59
N LYS C 84 8.66 4.36 11.81
CA LYS C 84 8.86 5.08 13.06
C LYS C 84 7.83 6.19 13.22
N CYS C 85 7.63 6.99 12.17
CA CYS C 85 6.61 8.04 12.24
C CYS C 85 5.23 7.46 12.47
N GLU C 86 4.86 6.42 11.72
CA GLU C 86 3.57 5.76 11.97
C GLU C 86 3.45 5.29 13.42
N PHE C 87 4.55 4.79 14.00
CA PHE C 87 4.48 4.33 15.38
C PHE C 87 4.36 5.51 16.35
N LEU C 88 5.02 6.63 16.04
CA LEU C 88 4.91 7.83 16.85
C LEU C 88 3.48 8.36 16.86
N LEU C 89 2.85 8.39 15.69
CA LEU C 89 1.48 8.87 15.60
C LEU C 89 0.52 7.91 16.31
N LEU C 90 0.80 6.60 16.21
CA LEU C 90 -0.02 5.64 16.95
C LEU C 90 0.15 5.83 18.46
N LYS C 91 1.38 6.13 18.91
CA LYS C 91 1.61 6.37 20.32
C LYS C 91 0.84 7.59 20.78
N VAL C 92 0.68 8.59 19.90
CA VAL C 92 -0.16 9.74 20.23
C VAL C 92 -1.62 9.31 20.34
N TYR C 93 -2.10 8.52 19.36
CA TYR C 93 -3.48 8.03 19.42
C TYR C 93 -3.76 7.22 20.69
N CYS C 94 -2.73 6.59 21.27
CA CYS C 94 -2.95 5.71 22.41
C CYS C 94 -3.25 6.48 23.70
N ASP C 95 -3.37 7.80 23.63
CA ASP C 95 -3.74 8.63 24.75
C ASP C 95 -5.13 9.19 24.55
N SER C 96 -5.93 9.24 25.61
CA SER C 96 -7.31 9.68 25.48
C SER C 96 -7.40 11.15 25.06
N LYS C 97 -6.48 11.98 25.55
CA LYS C 97 -6.57 13.41 25.28
C LYS C 97 -6.47 13.70 23.79
N SER C 98 -5.82 12.80 23.04
CA SER C 98 -5.63 13.03 21.62
C SER C 98 -6.96 13.03 20.86
N SER C 99 -8.02 12.51 21.45
CA SER C 99 -9.31 12.55 20.76
C SER C 99 -9.76 13.98 20.51
N PHE C 100 -9.28 14.93 21.31
CA PHE C 100 -9.65 16.33 21.07
C PHE C 100 -9.07 16.85 19.76
N PHE C 101 -7.94 16.29 19.32
CA PHE C 101 -7.24 16.77 18.14
C PHE C 101 -7.42 15.86 16.94
N ALA C 102 -8.36 14.91 16.99
CA ALA C 102 -8.49 13.92 15.94
C ALA C 102 -9.33 14.43 14.77
N SER C 103 -10.55 14.87 15.05
CA SER C 103 -11.45 15.32 13.99
C SER C 103 -11.16 16.77 13.59
N GLU C 104 -11.68 17.14 12.43
CA GLU C 104 -11.55 18.51 11.94
C GLU C 104 -12.26 19.48 12.89
N PRO C 105 -11.58 20.54 13.36
CA PRO C 105 -12.14 21.49 14.33
C PRO C 105 -13.37 22.21 13.82
N GLY C 114 -10.47 30.82 12.39
CA GLY C 114 -9.81 30.26 11.22
C GLY C 114 -8.31 30.46 11.22
N PRO C 115 -7.55 29.38 11.35
CA PRO C 115 -6.10 29.47 11.34
C PRO C 115 -5.58 29.57 9.91
N GLN C 116 -4.27 29.76 9.79
CA GLN C 116 -3.66 29.87 8.47
C GLN C 116 -3.68 28.52 7.77
N LYS C 117 -3.44 27.43 8.52
CA LYS C 117 -3.51 26.08 8.00
C LYS C 117 -4.00 25.18 9.12
N PRO C 118 -5.30 24.90 9.18
CA PRO C 118 -5.79 23.93 10.17
C PRO C 118 -5.19 22.55 9.95
N MET C 119 -5.15 21.78 11.03
CA MET C 119 -4.55 20.45 10.96
C MET C 119 -5.04 19.63 12.13
N TRP C 120 -5.35 18.36 11.87
CA TRP C 120 -5.87 17.47 12.90
C TRP C 120 -5.20 16.12 12.73
N LEU C 121 -5.43 15.23 13.70
CA LEU C 121 -4.69 13.98 13.76
C LEU C 121 -5.07 13.05 12.60
N ASN C 122 -6.37 12.90 12.34
CA ASN C 122 -6.81 12.03 11.26
C ASN C 122 -6.26 12.47 9.90
N LYS C 123 -6.06 13.77 9.71
CA LYS C 123 -5.55 14.21 8.41
C LYS C 123 -4.08 13.89 8.26
N VAL C 124 -3.34 13.89 9.38
CA VAL C 124 -1.95 13.44 9.34
C VAL C 124 -1.90 11.93 9.16
N LYS C 125 -2.84 11.20 9.77
CA LYS C 125 -2.97 9.77 9.52
C LYS C 125 -3.18 9.49 8.03
N THR C 126 -4.08 10.25 7.39
CA THR C 126 -4.35 10.04 5.97
C THR C 126 -3.14 10.39 5.11
N SER C 127 -2.54 11.56 5.37
CA SER C 127 -1.38 11.99 4.59
C SER C 127 -0.23 11.01 4.74
N LEU C 128 0.01 10.53 5.96
CA LEU C 128 1.06 9.54 6.18
C LEU C 128 0.72 8.21 5.53
N ASN C 129 -0.56 7.85 5.49
CA ASN C 129 -0.98 6.61 4.85
C ASN C 129 -0.71 6.64 3.35
N GLU C 130 -1.07 7.74 2.71
CA GLU C 130 -0.82 7.92 1.28
C GLU C 130 0.62 8.35 0.99
N GLN C 131 1.48 8.31 2.02
CA GLN C 131 2.88 8.71 1.90
C GLN C 131 3.00 10.07 1.22
N MET C 132 2.23 11.04 1.72
CA MET C 132 2.30 12.41 1.24
C MET C 132 3.46 13.16 1.84
N TYR C 133 4.30 12.51 2.65
CA TYR C 133 5.49 13.11 3.23
C TYR C 133 6.71 12.46 2.61
N THR C 134 7.58 13.28 2.03
CA THR C 134 8.83 12.79 1.44
C THR C 134 9.97 12.75 2.44
N ARG C 135 9.90 13.55 3.50
CA ARG C 135 10.88 13.54 4.58
C ARG C 135 10.15 13.54 5.92
N VAL C 136 10.93 13.31 6.98
CA VAL C 136 10.35 13.23 8.32
C VAL C 136 9.82 14.59 8.76
N GLU C 137 10.50 15.67 8.36
CA GLU C 137 10.13 17.03 8.75
C GLU C 137 8.70 17.38 8.37
N GLY C 138 8.18 16.80 7.28
CA GLY C 138 6.80 17.09 6.92
C GLY C 138 5.82 16.57 7.96
N PHE C 139 6.04 15.35 8.42
CA PHE C 139 5.14 14.76 9.41
C PHE C 139 5.29 15.46 10.75
N VAL C 140 6.54 15.61 11.22
CA VAL C 140 6.78 16.30 12.48
C VAL C 140 6.24 17.72 12.42
N GLN C 141 6.22 18.31 11.22
CA GLN C 141 5.79 19.71 11.08
C GLN C 141 4.28 19.84 11.08
N ASP C 142 3.56 18.84 10.56
CA ASP C 142 2.10 18.92 10.68
C ASP C 142 1.66 18.60 12.10
N MET C 143 2.37 17.68 12.75
CA MET C 143 2.08 17.38 14.15
C MET C 143 2.28 18.60 15.02
N ARG C 144 3.41 19.30 14.84
CA ARG C 144 3.65 20.52 15.59
C ARG C 144 2.67 21.62 15.19
N LEU C 145 2.18 21.59 13.95
CA LEU C 145 1.23 22.62 13.54
C LEU C 145 -0.09 22.48 14.27
N ILE C 146 -0.44 21.26 14.69
CA ILE C 146 -1.65 21.09 15.51
C ILE C 146 -1.52 21.89 16.80
N PHE C 147 -0.39 21.75 17.49
CA PHE C 147 -0.21 22.43 18.77
C PHE C 147 -0.04 23.94 18.59
N HIS C 148 0.65 24.36 17.52
CA HIS C 148 0.71 25.79 17.22
C HIS C 148 -0.69 26.39 17.13
N ASN C 149 -1.56 25.78 16.31
CA ASN C 149 -2.89 26.36 16.15
C ASN C 149 -3.71 26.27 17.42
N HIS C 150 -3.49 25.23 18.23
CA HIS C 150 -4.21 25.14 19.50
C HIS C 150 -3.81 26.29 20.42
N LYS C 151 -2.51 26.55 20.56
CA LYS C 151 -2.06 27.71 21.30
C LYS C 151 -2.48 29.02 20.65
N GLU C 152 -2.94 28.98 19.41
CA GLU C 152 -3.34 30.20 18.74
C GLU C 152 -4.80 30.57 18.97
N PHE C 153 -5.72 29.59 18.99
CA PHE C 153 -7.13 29.94 19.04
C PHE C 153 -7.84 29.66 20.36
N TYR C 154 -7.37 28.72 21.18
CA TYR C 154 -8.05 28.38 22.42
C TYR C 154 -7.21 28.75 23.63
N ARG C 155 -7.83 29.45 24.58
CA ARG C 155 -7.17 29.90 25.80
C ARG C 155 -7.94 29.50 27.06
N GLU C 156 -8.93 28.64 26.94
CA GLU C 156 -9.62 28.11 28.11
C GLU C 156 -8.70 27.15 28.84
N ASP C 157 -8.70 27.21 30.17
CA ASP C 157 -7.60 26.63 30.94
C ASP C 157 -7.54 25.11 30.80
N LYS C 158 -8.70 24.45 30.79
CA LYS C 158 -8.71 22.99 30.73
C LYS C 158 -8.14 22.49 29.41
N PHE C 159 -8.68 22.98 28.30
CA PHE C 159 -8.23 22.50 26.99
C PHE C 159 -6.84 23.01 26.64
N THR C 160 -6.45 24.16 27.18
CA THR C 160 -5.08 24.64 26.97
C THR C 160 -4.09 23.69 27.63
N ARG C 161 -4.31 23.37 28.91
CA ARG C 161 -3.51 22.33 29.55
C ARG C 161 -3.55 21.03 28.75
N LEU C 162 -4.72 20.71 28.17
CA LEU C 162 -4.82 19.49 27.37
C LEU C 162 -3.85 19.50 26.21
N GLY C 163 -3.76 20.62 25.49
CA GLY C 163 -2.87 20.69 24.35
C GLY C 163 -1.41 20.74 24.75
N ILE C 164 -1.11 21.33 25.91
CA ILE C 164 0.25 21.27 26.45
C ILE C 164 0.66 19.82 26.69
N GLN C 165 -0.24 19.05 27.31
CA GLN C 165 0.07 17.65 27.64
C GLN C 165 0.24 16.81 26.37
N VAL C 166 -0.65 16.97 25.39
CA VAL C 166 -0.50 16.17 24.17
C VAL C 166 0.77 16.57 23.43
N GLN C 167 1.11 17.86 23.44
CA GLN C 167 2.36 18.29 22.82
C GLN C 167 3.56 17.61 23.47
N ASP C 168 3.63 17.66 24.81
CA ASP C 168 4.71 16.98 25.52
C ASP C 168 4.76 15.51 25.17
N ILE C 169 3.60 14.86 25.02
CA ILE C 169 3.58 13.44 24.68
C ILE C 169 4.24 13.22 23.32
N PHE C 170 3.85 14.04 22.33
CA PHE C 170 4.41 13.85 20.99
C PHE C 170 5.91 14.10 20.98
N GLU C 171 6.37 15.13 21.70
CA GLU C 171 7.79 15.46 21.62
C GLU C 171 8.62 14.42 22.35
N LYS C 172 8.09 13.88 23.46
CA LYS C 172 8.84 12.85 24.19
C LYS C 172 8.96 11.58 23.36
N ASN C 173 7.84 11.09 22.81
CA ASN C 173 7.93 9.90 21.97
C ASN C 173 8.77 10.17 20.71
N PHE C 174 8.79 11.42 20.24
CA PHE C 174 9.57 11.76 19.05
C PHE C 174 11.07 11.62 19.32
N ARG C 175 11.53 12.15 20.46
CA ARG C 175 12.95 12.04 20.75
C ARG C 175 13.34 10.66 21.23
N ASN C 176 12.42 9.92 21.86
CA ASN C 176 12.75 8.56 22.27
C ASN C 176 12.86 7.62 21.08
N ILE C 177 11.94 7.72 20.11
CA ILE C 177 11.94 6.74 19.03
C ILE C 177 13.09 7.00 18.08
N PHE C 178 13.34 8.26 17.71
CA PHE C 178 14.42 8.61 16.81
C PHE C 178 15.77 8.78 17.51
N ALA C 179 15.84 8.62 18.83
CA ALA C 179 17.10 8.60 19.58
C ALA C 179 17.89 9.89 19.38
N ILE C 180 17.36 10.96 19.96
CA ILE C 180 17.95 12.28 19.83
C ILE C 180 18.80 12.56 21.06
N GLN C 181 19.64 13.60 20.97
CA GLN C 181 20.80 13.75 21.84
C GLN C 181 20.45 14.15 23.28
N GLU C 182 19.38 14.91 23.47
CA GLU C 182 19.06 15.57 24.75
C GLU C 182 20.11 16.64 25.08
N ALA D 1 -4.61 -11.51 8.04
CA ALA D 1 -4.68 -11.14 9.46
C ALA D 1 -5.94 -11.72 10.10
N ARG D 2 -5.75 -12.49 11.17
CA ARG D 2 -6.87 -13.12 11.87
C ARG D 2 -7.74 -12.07 12.56
N TPO D 3 -9.04 -12.33 12.59
CA TPO D 3 -9.99 -11.40 13.20
CB TPO D 3 -10.86 -10.75 12.12
CG2 TPO D 3 -10.05 -9.64 11.45
OG1 TPO D 3 -11.23 -11.75 11.17
P TPO D 3 -12.54 -11.26 10.37
O1P TPO D 3 -12.07 -10.45 9.07
O2P TPO D 3 -13.47 -10.34 11.30
O3P TPO D 3 -13.31 -12.45 9.94
C TPO D 3 -10.87 -12.07 14.24
O TPO D 3 -11.04 -13.29 14.23
N LYS D 4 -11.42 -11.28 15.15
CA LYS D 4 -12.38 -11.76 16.13
C LYS D 4 -13.41 -10.68 16.39
N GLN D 5 -14.46 -11.02 17.14
CA GLN D 5 -15.55 -10.11 17.43
C GLN D 5 -15.81 -10.13 18.93
N THR D 6 -15.48 -9.02 19.60
CA THR D 6 -15.70 -8.88 21.04
C THR D 6 -16.73 -7.80 21.30
N ALA D 7 -17.31 -7.84 22.50
CA ALA D 7 -18.35 -6.88 22.87
C ALA D 7 -18.29 -6.63 24.37
N ARG D 8 -18.74 -5.43 24.75
CA ARG D 8 -18.77 -5.04 26.16
C ARG D 8 -19.56 -6.03 27.00
N LYS D 9 -20.70 -6.51 26.49
CA LYS D 9 -21.48 -7.54 27.16
C LYS D 9 -21.31 -8.87 26.42
N SER D 10 -20.11 -9.45 26.56
CA SER D 10 -19.80 -10.73 25.94
C SER D 10 -18.55 -11.35 26.57
ZN ZN E . -1.09 4.25 -20.06
ZN ZN F . 12.40 1.22 -14.78
ZN ZN G . -9.31 0.79 18.35
ZN ZN H . 2.58 -7.73 17.61
#